data_4H3C
#
_entry.id   4H3C
#
_cell.length_a   63.333
_cell.length_b   69.103
_cell.length_c   111.686
_cell.angle_alpha   90.00
_cell.angle_beta   90.00
_cell.angle_gamma   90.00
#
_symmetry.space_group_name_H-M   'P 21 21 21'
#
loop_
_entity.id
_entity.type
_entity.pdbx_description
1 polymer 'Undecaprenyl pyrophosphate synthase'
2 non-polymer '(2Z)-4-[3-(decyloxy)phenyl]-2-hydroxy-4-oxobut-2-enoic acid'
3 water water
#
_entity_poly.entity_id   1
_entity_poly.type   'polypeptide(L)'
_entity_poly.pdbx_seq_one_letter_code
;MMLSATQPLSEKLPAHGCRHVAIIMDGNGRWAKKQGKIRAFGHKAGAKSVRRAVSFAANNGIEALTLYAFSSENWNRPAQ
EVSALMELFVWALDSEVKSLHRHNVRLRIIGDTSRFNSRLQERIRKSEALTAGNTGLTLNIAANYGGRWDIVQGVRQLAE
KVQQGNLQPDQIDEEMLNQHVCMHELAPVDLVIRTGGEHRISNFLLWQIAYAELYFTDVLWPDFDEQDFEGALNAFANRE
RRFGGTEPGDETA
;
_entity_poly.pdbx_strand_id   A,B
#
loop_
_chem_comp.id
_chem_comp.type
_chem_comp.name
_chem_comp.formula
0YZ non-polymer '(2Z)-4-[3-(decyloxy)phenyl]-2-hydroxy-4-oxobut-2-enoic acid' 'C20 H28 O5'
#
# COMPACT_ATOMS: atom_id res chain seq x y z
N ALA A 15 9.99 18.74 15.34
CA ALA A 15 8.57 19.15 15.65
C ALA A 15 7.59 18.51 14.67
N HIS A 16 7.93 18.51 13.38
CA HIS A 16 6.95 17.89 12.43
C HIS A 16 6.70 16.43 12.78
N GLY A 17 7.61 15.81 13.53
CA GLY A 17 7.36 14.45 13.94
C GLY A 17 7.65 13.38 12.93
N CYS A 18 8.17 13.78 11.76
CA CYS A 18 8.41 12.85 10.67
C CYS A 18 9.86 12.37 10.59
N ARG A 19 10.11 11.06 10.69
CA ARG A 19 11.48 10.55 10.60
C ARG A 19 11.84 10.06 9.17
N HIS A 20 10.87 9.51 8.39
CA HIS A 20 11.23 8.85 7.11
C HIS A 20 10.11 9.25 6.14
N VAL A 21 10.48 9.96 5.07
CA VAL A 21 9.53 10.47 4.03
C VAL A 21 9.92 9.68 2.77
N ALA A 22 8.94 9.17 2.03
CA ALA A 22 9.18 8.52 0.73
C ALA A 22 8.40 9.34 -0.34
N ILE A 23 8.99 9.52 -1.54
CA ILE A 23 8.36 10.37 -2.52
C ILE A 23 8.25 9.62 -3.87
N ILE A 24 7.03 9.59 -4.48
CA ILE A 24 6.86 9.15 -5.81
C ILE A 24 6.98 10.43 -6.64
N MET A 25 8.08 10.56 -7.38
CA MET A 25 8.40 11.79 -8.13
C MET A 25 7.81 11.92 -9.52
N ASP A 26 6.54 12.16 -9.67
CA ASP A 26 5.95 12.04 -11.01
C ASP A 26 5.62 13.47 -11.51
N GLY A 27 5.56 13.61 -12.84
CA GLY A 27 5.13 14.87 -13.43
C GLY A 27 6.21 15.49 -14.33
N ASN A 28 7.39 14.84 -14.45
CA ASN A 28 8.51 15.43 -15.26
C ASN A 28 8.10 15.57 -16.76
N GLY A 29 7.45 14.55 -17.27
CA GLY A 29 7.02 14.54 -18.69
C GLY A 29 5.97 15.59 -18.96
N ARG A 30 4.94 15.67 -18.12
CA ARG A 30 3.92 16.68 -18.24
C ARG A 30 4.46 18.09 -18.11
N TRP A 31 5.45 18.28 -17.23
CA TRP A 31 6.01 19.60 -16.99
C TRP A 31 6.69 20.10 -18.26
N ALA A 32 7.47 19.22 -18.88
CA ALA A 32 8.24 19.54 -20.14
C ALA A 32 7.21 19.85 -21.30
N LYS A 33 6.24 18.96 -21.48
CA LYS A 33 5.11 19.18 -22.46
C LYS A 33 4.44 20.54 -22.28
N LYS A 34 4.04 20.91 -21.06
CA LYS A 34 3.50 22.26 -20.81
C LYS A 34 4.40 23.41 -21.25
N GLN A 35 5.71 23.21 -21.20
CA GLN A 35 6.70 24.24 -21.57
C GLN A 35 7.01 24.23 -23.12
N GLY A 36 6.41 23.31 -23.88
CA GLY A 36 6.81 23.00 -25.29
C GLY A 36 8.20 22.37 -25.41
N LYS A 37 8.58 21.58 -24.42
CA LYS A 37 9.89 20.93 -24.41
C LYS A 37 9.75 19.43 -24.62
N ILE A 38 10.85 18.97 -25.15
CA ILE A 38 11.03 17.61 -25.22
C ILE A 38 11.31 17.20 -23.84
N ARG A 39 11.08 15.92 -23.60
CA ARG A 39 11.38 15.26 -22.33
C ARG A 39 12.76 15.39 -21.60
N ALA A 40 13.90 15.42 -22.30
CA ALA A 40 15.20 15.55 -21.63
C ALA A 40 15.24 16.80 -20.75
N PHE A 41 14.36 17.75 -21.04
CA PHE A 41 14.30 19.00 -20.26
C PHE A 41 13.53 18.83 -18.92
N GLY A 42 12.42 18.13 -18.96
CA GLY A 42 11.69 17.72 -17.74
C GLY A 42 12.61 16.91 -16.81
N HIS A 43 13.39 15.98 -17.34
CA HIS A 43 14.31 15.21 -16.51
C HIS A 43 15.39 16.03 -15.86
N LYS A 44 15.95 16.95 -16.58
CA LYS A 44 16.87 17.92 -16.01
C LYS A 44 16.24 18.80 -14.93
N ALA A 45 15.05 19.32 -15.18
CA ALA A 45 14.40 20.09 -14.12
C ALA A 45 14.02 19.18 -12.91
N GLY A 46 13.61 17.96 -13.20
CA GLY A 46 13.41 16.91 -12.16
C GLY A 46 14.65 16.59 -11.33
N ALA A 47 15.83 16.55 -11.94
CA ALA A 47 17.10 16.38 -11.16
C ALA A 47 17.34 17.58 -10.23
N LYS A 48 17.08 18.79 -10.70
CA LYS A 48 17.21 19.98 -9.86
C LYS A 48 16.29 19.92 -8.66
N SER A 49 15.08 19.45 -8.91
CA SER A 49 14.09 19.31 -7.80
C SER A 49 14.54 18.19 -6.77
N VAL A 50 15.13 17.10 -7.27
CA VAL A 50 15.77 16.09 -6.40
C VAL A 50 16.84 16.76 -5.45
N ARG A 51 17.79 17.49 -6.02
CA ARG A 51 18.80 18.20 -5.17
C ARG A 51 18.19 19.07 -4.11
N ARG A 52 17.15 19.78 -4.49
CA ARG A 52 16.42 20.67 -3.62
C ARG A 52 15.69 19.91 -2.51
N ALA A 53 15.07 18.79 -2.83
CA ALA A 53 14.39 18.00 -1.82
C ALA A 53 15.39 17.35 -0.84
N VAL A 54 16.46 16.78 -1.38
CA VAL A 54 17.52 16.22 -0.59
C VAL A 54 18.10 17.32 0.39
N SER A 55 18.44 18.51 -0.06
CA SER A 55 18.94 19.61 0.85
C SER A 55 17.92 19.98 1.89
N PHE A 56 16.66 20.08 1.46
CA PHE A 56 15.57 20.39 2.37
C PHE A 56 15.45 19.32 3.47
N ALA A 57 15.44 18.05 3.08
CA ALA A 57 15.33 17.01 4.06
C ALA A 57 16.51 17.05 5.06
N ALA A 58 17.73 17.13 4.54
CA ALA A 58 18.94 17.13 5.39
C ALA A 58 18.92 18.31 6.38
N ASN A 59 18.43 19.46 5.96
CA ASN A 59 18.29 20.65 6.82
C ASN A 59 17.11 20.74 7.74
N ASN A 60 16.14 19.83 7.64
CA ASN A 60 14.95 19.85 8.48
C ASN A 60 14.83 18.60 9.42
N GLY A 61 15.95 17.99 9.70
CA GLY A 61 15.95 16.90 10.68
C GLY A 61 15.34 15.58 10.29
N ILE A 62 15.08 15.34 9.00
CA ILE A 62 14.43 14.07 8.58
C ILE A 62 15.52 13.01 8.65
N GLU A 63 15.26 11.80 9.11
CA GLU A 63 16.33 10.81 9.15
C GLU A 63 16.59 10.13 7.84
N ALA A 64 15.49 9.84 7.12
CA ALA A 64 15.62 9.06 5.89
C ALA A 64 14.67 9.66 4.83
N LEU A 65 15.13 9.61 3.56
CA LEU A 65 14.33 10.05 2.42
C LEU A 65 14.51 9.00 1.36
N THR A 66 13.39 8.48 0.84
CA THR A 66 13.43 7.39 -0.08
C THR A 66 12.73 7.89 -1.36
N LEU A 67 13.44 7.83 -2.50
CA LEU A 67 12.95 8.47 -3.75
C LEU A 67 12.69 7.46 -4.83
N TYR A 68 11.52 7.59 -5.49
CA TYR A 68 11.11 6.66 -6.54
C TYR A 68 10.76 7.44 -7.81
N ALA A 69 11.59 7.31 -8.83
CA ALA A 69 11.43 8.05 -10.09
C ALA A 69 10.41 7.30 -10.87
N PHE A 70 9.29 7.92 -11.22
CA PHE A 70 8.24 7.06 -11.78
C PHE A 70 8.19 7.25 -13.29
N MET A 86 16.87 7.40 -18.11
CA MET A 86 16.81 7.02 -16.71
C MET A 86 17.88 6.06 -16.31
N GLU A 87 17.93 4.88 -16.90
CA GLU A 87 19.11 4.06 -16.68
C GLU A 87 20.36 4.91 -16.93
N LEU A 88 20.34 5.79 -17.94
CA LEU A 88 21.43 6.77 -18.19
C LEU A 88 21.43 7.92 -17.18
N PHE A 89 20.24 8.28 -16.69
CA PHE A 89 20.12 9.15 -15.53
C PHE A 89 20.89 8.59 -14.31
N VAL A 90 20.60 7.36 -13.85
CA VAL A 90 21.32 6.83 -12.70
C VAL A 90 22.80 6.69 -12.92
N TRP A 91 23.23 6.09 -14.03
CA TRP A 91 24.68 6.10 -14.36
C TRP A 91 25.37 7.46 -14.12
N ALA A 92 24.82 8.57 -14.56
CA ALA A 92 25.52 9.87 -14.43
C ALA A 92 25.77 10.40 -13.02
N LEU A 93 25.19 9.70 -12.05
CA LEU A 93 25.31 9.96 -10.63
C LEU A 93 26.63 10.47 -10.10
N ASP A 94 27.74 9.92 -10.60
CA ASP A 94 29.12 10.18 -10.07
C ASP A 94 29.52 11.55 -9.46
N SER A 95 29.35 12.62 -10.24
CA SER A 95 29.44 13.97 -9.71
C SER A 95 28.53 14.13 -8.49
N GLU A 96 27.36 13.51 -8.53
CA GLU A 96 26.40 13.58 -7.43
C GLU A 96 26.86 12.92 -6.15
N VAL A 97 27.39 11.71 -6.24
CA VAL A 97 27.81 10.98 -5.04
C VAL A 97 28.86 11.78 -4.23
N LYS A 98 29.77 12.49 -4.91
CA LYS A 98 30.77 13.32 -4.17
C LYS A 98 30.13 14.50 -3.43
N SER A 99 29.14 15.10 -4.07
CA SER A 99 28.40 16.17 -3.47
C SER A 99 27.60 15.65 -2.26
N LEU A 100 26.97 14.48 -2.38
CA LEU A 100 26.28 13.86 -1.22
C LEU A 100 27.27 13.77 -0.05
N HIS A 101 28.45 13.25 -0.34
CA HIS A 101 29.41 12.87 0.69
C HIS A 101 29.90 14.06 1.38
N ARG A 102 30.14 15.08 0.61
CA ARG A 102 30.43 16.40 1.16
C ARG A 102 29.30 17.08 2.02
N HIS A 103 28.07 16.57 1.93
CA HIS A 103 26.95 17.01 2.74
C HIS A 103 26.56 15.99 3.80
N ASN A 104 27.43 14.98 3.99
CA ASN A 104 27.34 14.02 5.10
C ASN A 104 26.06 13.21 4.96
N VAL A 105 25.67 12.94 3.70
CA VAL A 105 24.53 12.06 3.44
C VAL A 105 25.04 10.65 3.23
N ARG A 106 24.28 9.69 3.77
CA ARG A 106 24.56 8.29 3.55
C ARG A 106 23.70 7.77 2.36
N LEU A 107 24.33 7.29 1.29
CA LEU A 107 23.56 6.83 0.11
C LEU A 107 23.34 5.31 0.11
N ARG A 108 22.13 4.85 -0.20
CA ARG A 108 21.79 3.42 -0.44
C ARG A 108 20.85 3.28 -1.66
N ILE A 109 20.99 2.20 -2.42
CA ILE A 109 20.12 1.95 -3.58
C ILE A 109 19.28 0.79 -3.20
N ILE A 110 17.95 0.84 -3.37
CA ILE A 110 17.08 -0.30 -3.11
C ILE A 110 16.51 -0.73 -4.44
N GLY A 111 16.38 -2.03 -4.62
CA GLY A 111 15.76 -2.57 -5.80
C GLY A 111 16.64 -3.68 -6.35
N ASP A 112 16.24 -4.29 -7.46
CA ASP A 112 16.96 -5.46 -7.95
C ASP A 112 18.06 -5.04 -8.96
N THR A 113 19.25 -4.89 -8.44
CA THR A 113 20.38 -4.39 -9.19
C THR A 113 21.20 -5.57 -9.72
N SER A 114 20.72 -6.79 -9.48
CA SER A 114 21.52 -7.96 -9.78
C SER A 114 21.59 -8.36 -11.27
N ARG A 115 20.64 -7.93 -12.09
CA ARG A 115 20.76 -8.08 -13.56
C ARG A 115 21.38 -6.85 -14.25
N PHE A 116 21.89 -5.90 -13.45
CA PHE A 116 22.72 -4.80 -13.95
C PHE A 116 24.12 -5.34 -14.27
N ASN A 117 24.78 -4.72 -15.23
CA ASN A 117 26.16 -5.01 -15.59
C ASN A 117 27.13 -4.94 -14.44
N SER A 118 28.14 -5.82 -14.40
CA SER A 118 29.08 -5.82 -13.29
C SER A 118 29.52 -4.38 -13.05
N ARG A 119 29.81 -3.68 -14.12
CA ARG A 119 30.36 -2.34 -13.99
C ARG A 119 29.56 -1.32 -13.18
N LEU A 120 28.27 -1.25 -13.49
CA LEU A 120 27.30 -0.47 -12.76
C LEU A 120 27.25 -0.98 -11.33
N GLN A 121 27.08 -2.28 -11.18
CA GLN A 121 27.05 -2.91 -9.86
C GLN A 121 28.22 -2.50 -9.00
N GLU A 122 29.40 -2.38 -9.62
CA GLU A 122 30.61 -2.03 -8.87
C GLU A 122 30.62 -0.57 -8.43
N ARG A 123 30.13 0.33 -9.28
CA ARG A 123 30.07 1.74 -8.91
C ARG A 123 29.01 2.01 -7.83
N ILE A 124 27.93 1.25 -7.87
CA ILE A 124 26.94 1.23 -6.77
C ILE A 124 27.61 0.86 -5.41
N ARG A 125 28.27 -0.31 -5.35
CA ARG A 125 28.98 -0.73 -4.11
C ARG A 125 29.92 0.31 -3.58
N LYS A 126 30.68 0.89 -4.47
CA LYS A 126 31.67 1.90 -4.12
C LYS A 126 31.02 3.12 -3.53
N SER A 127 29.94 3.54 -4.15
CA SER A 127 29.25 4.77 -3.74
C SER A 127 28.66 4.58 -2.35
N GLU A 128 28.08 3.41 -2.11
CA GLU A 128 27.59 3.04 -0.77
C GLU A 128 28.71 3.00 0.25
N ALA A 129 29.77 2.26 -0.09
CA ALA A 129 30.93 2.15 0.82
C ALA A 129 31.47 3.54 1.19
N LEU A 130 31.66 4.41 0.20
CA LEU A 130 32.18 5.75 0.45
C LEU A 130 31.39 6.55 1.50
N THR A 131 30.07 6.40 1.46
CA THR A 131 29.22 7.27 2.26
C THR A 131 28.64 6.55 3.47
N ALA A 132 28.90 5.24 3.58
CA ALA A 132 28.22 4.44 4.66
C ALA A 132 28.55 4.95 6.11
N GLY A 133 29.67 5.62 6.31
CA GLY A 133 29.97 6.20 7.62
C GLY A 133 29.30 7.53 7.92
N ASN A 134 28.61 8.14 6.92
CA ASN A 134 28.01 9.46 7.14
C ASN A 134 26.93 9.54 8.14
N THR A 135 26.85 10.68 8.84
CA THR A 135 25.88 10.67 9.91
C THR A 135 24.63 11.56 9.71
N GLY A 136 24.50 12.19 8.54
CA GLY A 136 23.33 13.06 8.39
C GLY A 136 22.21 12.23 7.76
N LEU A 137 21.57 12.87 6.81
CA LEU A 137 20.45 12.18 6.12
C LEU A 137 20.84 10.85 5.52
N THR A 138 20.00 9.83 5.73
CA THR A 138 20.07 8.65 4.90
C THR A 138 19.15 8.80 3.60
N LEU A 139 19.74 8.67 2.42
CA LEU A 139 19.01 8.87 1.13
C LEU A 139 18.94 7.53 0.44
N ASN A 140 17.72 6.95 0.30
CA ASN A 140 17.51 5.71 -0.45
C ASN A 140 16.97 5.98 -1.87
N ILE A 141 17.62 5.43 -2.89
CA ILE A 141 17.22 5.69 -4.28
C ILE A 141 16.74 4.42 -4.86
N ALA A 142 15.45 4.36 -5.32
CA ALA A 142 14.89 3.13 -5.91
C ALA A 142 15.44 2.98 -7.37
N ALA A 143 15.92 1.78 -7.68
CA ALA A 143 16.46 1.47 -9.02
C ALA A 143 15.98 0.08 -9.31
N ASN A 144 15.17 -0.08 -10.36
CA ASN A 144 14.51 -1.33 -10.62
C ASN A 144 13.86 -1.89 -9.36
N TYR A 145 13.06 -1.04 -8.70
CA TYR A 145 12.36 -1.39 -7.46
C TYR A 145 10.86 -1.67 -7.70
N GLY A 146 10.26 -2.66 -7.05
CA GLY A 146 8.78 -2.78 -6.98
C GLY A 146 8.47 -3.29 -5.59
N GLY A 147 7.30 -2.88 -5.02
CA GLY A 147 6.85 -3.31 -3.68
C GLY A 147 6.70 -4.83 -3.61
N ARG A 148 6.13 -5.36 -4.65
CA ARG A 148 5.87 -6.80 -4.69
C ARG A 148 7.19 -7.60 -4.73
N TRP A 149 8.09 -7.16 -5.62
CA TRP A 149 9.43 -7.72 -5.70
C TRP A 149 10.13 -7.71 -4.36
N ASP A 150 10.02 -6.60 -3.60
CA ASP A 150 10.66 -6.36 -2.31
C ASP A 150 10.18 -7.46 -1.32
N ILE A 151 8.86 -7.69 -1.31
CA ILE A 151 8.30 -8.70 -0.45
C ILE A 151 8.80 -10.10 -0.90
N VAL A 152 8.75 -10.34 -2.20
CA VAL A 152 9.21 -11.62 -2.76
C VAL A 152 10.67 -11.92 -2.39
N GLN A 153 11.56 -10.95 -2.47
CA GLN A 153 12.97 -11.24 -2.19
C GLN A 153 13.10 -11.62 -0.69
N GLY A 154 12.27 -11.00 0.16
CA GLY A 154 12.27 -11.28 1.64
C GLY A 154 11.78 -12.70 1.89
N VAL A 155 10.75 -13.09 1.14
CA VAL A 155 10.18 -14.41 1.26
C VAL A 155 11.25 -15.45 0.86
N ARG A 156 11.94 -15.22 -0.26
CA ARG A 156 13.07 -16.10 -0.66
C ARG A 156 14.19 -16.25 0.38
N GLN A 157 14.56 -15.17 1.05
CA GLN A 157 15.54 -15.24 2.15
C GLN A 157 14.98 -16.17 3.23
N LEU A 158 13.71 -15.99 3.64
CA LEU A 158 13.08 -16.91 4.61
C LEU A 158 12.99 -18.38 4.09
N ALA A 159 12.64 -18.58 2.82
CA ALA A 159 12.56 -19.95 2.29
C ALA A 159 13.95 -20.64 2.28
N GLU A 160 15.00 -19.90 1.92
CA GLU A 160 16.37 -20.45 2.07
C GLU A 160 16.62 -20.96 3.48
N LYS A 161 16.28 -20.16 4.49
CA LYS A 161 16.52 -20.54 5.87
C LYS A 161 15.67 -21.79 6.25
N VAL A 162 14.47 -21.89 5.72
CA VAL A 162 13.66 -23.08 5.97
C VAL A 162 14.31 -24.28 5.28
N GLN A 163 14.80 -24.13 4.06
CA GLN A 163 15.44 -25.24 3.34
C GLN A 163 16.76 -25.79 3.96
N GLN A 164 17.63 -24.89 4.44
CA GLN A 164 18.78 -25.30 5.24
C GLN A 164 18.43 -25.76 6.68
N GLY A 165 17.14 -25.89 7.00
CA GLY A 165 16.67 -26.41 8.30
C GLY A 165 16.81 -25.45 9.49
N ASN A 166 17.19 -24.21 9.21
CA ASN A 166 17.33 -23.20 10.25
C ASN A 166 16.05 -22.53 10.78
N LEU A 167 14.97 -22.63 10.02
CA LEU A 167 13.74 -21.88 10.34
C LEU A 167 12.52 -22.79 10.20
N GLN A 168 11.64 -22.81 11.21
CA GLN A 168 10.34 -23.51 11.07
C GLN A 168 9.25 -22.65 10.41
N PRO A 169 8.49 -23.22 9.44
CA PRO A 169 7.38 -22.51 8.80
C PRO A 169 6.49 -21.75 9.80
N ASP A 170 6.26 -22.33 10.98
CA ASP A 170 5.32 -21.73 11.90
C ASP A 170 5.95 -20.69 12.81
N GLN A 171 7.26 -20.55 12.80
CA GLN A 171 7.88 -19.45 13.55
C GLN A 171 7.76 -18.15 12.71
N ILE A 172 7.37 -18.27 11.45
CA ILE A 172 7.32 -17.07 10.51
C ILE A 172 6.13 -16.19 10.84
N ASP A 173 6.42 -14.96 11.32
CA ASP A 173 5.36 -14.02 11.65
C ASP A 173 5.66 -12.69 10.96
N GLU A 174 4.85 -11.71 11.28
CA GLU A 174 5.02 -10.42 10.60
C GLU A 174 6.34 -9.79 10.96
N GLU A 175 6.72 -9.83 12.24
CA GLU A 175 8.01 -9.20 12.66
C GLU A 175 9.16 -9.82 11.95
N MET A 176 9.05 -11.11 11.70
CA MET A 176 10.16 -11.73 11.01
C MET A 176 10.25 -11.30 9.55
N LEU A 177 9.14 -11.38 8.83
CA LEU A 177 9.17 -10.90 7.42
C LEU A 177 9.55 -9.40 7.40
N ASN A 178 9.09 -8.62 8.37
CA ASN A 178 9.49 -7.22 8.48
C ASN A 178 11.02 -7.04 8.49
N GLN A 179 11.69 -7.97 9.16
CA GLN A 179 13.16 -7.95 9.23
C GLN A 179 13.87 -8.32 7.95
N HIS A 180 13.15 -8.78 6.94
CA HIS A 180 13.76 -9.10 5.67
C HIS A 180 13.39 -8.23 4.45
N VAL A 181 12.54 -7.21 4.63
CA VAL A 181 12.15 -6.31 3.50
C VAL A 181 13.14 -5.12 3.42
N CYS A 182 13.18 -4.42 2.27
CA CYS A 182 14.14 -3.30 2.16
C CYS A 182 13.91 -2.26 3.25
N MET A 183 14.99 -1.67 3.75
CA MET A 183 14.93 -0.59 4.74
C MET A 183 14.46 -0.97 6.12
N HIS A 184 14.37 -2.27 6.41
CA HIS A 184 13.92 -2.63 7.79
C HIS A 184 14.68 -2.01 8.97
N GLU A 185 15.95 -1.66 8.75
CA GLU A 185 16.81 -1.11 9.83
C GLU A 185 16.62 0.36 10.06
N LEU A 186 15.83 1.03 9.20
CA LEU A 186 15.57 2.46 9.31
C LEU A 186 14.26 2.72 9.99
N ALA A 187 14.02 3.97 10.42
CA ALA A 187 12.70 4.32 10.96
C ALA A 187 11.60 3.87 9.95
N PRO A 188 10.43 3.42 10.44
CA PRO A 188 9.26 3.11 9.57
C PRO A 188 8.89 4.34 8.70
N VAL A 189 8.40 4.10 7.47
CA VAL A 189 7.97 5.26 6.65
C VAL A 189 6.75 5.89 7.29
N ASP A 190 6.86 7.15 7.65
CA ASP A 190 5.80 7.92 8.30
C ASP A 190 4.93 8.60 7.26
N LEU A 191 5.53 9.00 6.13
CA LEU A 191 4.77 9.85 5.16
C LEU A 191 5.17 9.46 3.70
N VAL A 192 4.17 9.29 2.80
CA VAL A 192 4.48 9.06 1.37
C VAL A 192 3.88 10.27 0.63
N ILE A 193 4.70 10.90 -0.20
CA ILE A 193 4.26 12.06 -1.01
C ILE A 193 4.23 11.57 -2.47
N ARG A 194 3.12 11.83 -3.16
CA ARG A 194 3.20 11.59 -4.63
C ARG A 194 2.78 12.89 -5.34
N THR A 195 3.64 13.39 -6.20
CA THR A 195 3.41 14.60 -6.96
C THR A 195 2.80 14.19 -8.32
N GLY A 196 2.26 15.17 -9.04
CA GLY A 196 1.97 14.91 -10.47
C GLY A 196 0.47 14.63 -10.59
N GLY A 197 -0.29 14.55 -9.49
CA GLY A 197 -1.73 14.38 -9.64
C GLY A 197 -2.41 13.01 -9.62
N GLU A 198 -1.69 11.90 -9.74
CA GLU A 198 -2.38 10.55 -9.79
C GLU A 198 -2.46 10.06 -8.32
N HIS A 199 -3.50 9.29 -7.96
CA HIS A 199 -3.73 8.86 -6.60
C HIS A 199 -3.55 7.35 -6.49
N ARG A 200 -2.35 6.86 -6.64
CA ARG A 200 -2.01 5.44 -6.59
C ARG A 200 -0.61 5.25 -6.14
N ILE A 201 -0.30 4.05 -5.71
CA ILE A 201 1.05 3.74 -5.17
C ILE A 201 1.94 3.20 -6.27
N SER A 202 1.33 2.62 -7.32
CA SER A 202 2.06 2.24 -8.52
C SER A 202 3.17 1.23 -8.16
N ASN A 203 2.87 0.32 -7.21
CA ASN A 203 3.85 -0.77 -6.89
C ASN A 203 5.18 -0.18 -6.38
N PHE A 204 5.11 0.98 -5.75
CA PHE A 204 6.22 1.45 -4.98
C PHE A 204 5.94 0.66 -3.71
N LEU A 205 6.51 1.11 -2.59
CA LEU A 205 6.39 0.42 -1.31
C LEU A 205 5.03 -0.13 -1.02
N LEU A 206 4.96 -1.38 -0.57
CA LEU A 206 3.67 -1.94 -0.14
C LEU A 206 3.61 -2.32 1.36
N TRP A 207 4.47 -3.27 1.74
CA TRP A 207 4.67 -3.69 3.14
C TRP A 207 4.91 -2.52 4.04
N GLN A 208 5.76 -1.65 3.57
CA GLN A 208 6.32 -0.59 4.45
C GLN A 208 5.37 0.53 4.65
N ILE A 209 4.35 0.61 3.80
CA ILE A 209 3.42 1.75 4.02
C ILE A 209 2.08 1.46 4.69
N ALA A 210 1.98 0.29 5.33
CA ALA A 210 0.77 -0.15 6.05
C ALA A 210 0.19 0.91 6.99
N TYR A 211 1.02 1.75 7.62
CA TYR A 211 0.53 2.75 8.57
C TYR A 211 0.94 4.16 8.16
N ALA A 212 1.55 4.33 6.98
CA ALA A 212 2.05 5.65 6.58
C ALA A 212 0.91 6.65 6.22
N GLU A 213 1.12 7.93 6.48
CA GLU A 213 0.27 9.02 5.98
C GLU A 213 0.50 9.11 4.43
N LEU A 214 -0.58 9.23 3.65
CA LEU A 214 -0.43 9.34 2.17
C LEU A 214 -0.81 10.76 1.78
N TYR A 215 0.06 11.45 1.08
CA TYR A 215 -0.17 12.88 0.75
C TYR A 215 -0.02 13.05 -0.83
N PHE A 216 -1.11 13.34 -1.50
CA PHE A 216 -1.11 13.50 -2.97
C PHE A 216 -1.25 14.99 -3.28
N THR A 217 -0.36 15.49 -4.13
CA THR A 217 -0.46 16.87 -4.61
C THR A 217 -0.44 16.85 -6.19
N ASP A 218 -1.16 17.77 -6.80
CA ASP A 218 -1.18 17.93 -8.24
C ASP A 218 0.08 18.67 -8.71
N VAL A 219 0.88 19.23 -7.80
CA VAL A 219 2.13 19.90 -8.23
C VAL A 219 3.01 18.89 -8.99
N LEU A 220 3.56 19.31 -10.13
CA LEU A 220 4.41 18.42 -10.92
C LEU A 220 5.80 18.45 -10.25
N TRP A 221 6.48 17.30 -10.30
CA TRP A 221 7.79 17.10 -9.60
C TRP A 221 8.83 18.23 -9.80
N PRO A 222 9.06 18.69 -11.08
CA PRO A 222 10.01 19.80 -11.18
C PRO A 222 9.64 21.12 -10.42
N ASP A 223 8.36 21.39 -10.23
CA ASP A 223 7.89 22.56 -9.45
C ASP A 223 7.76 22.33 -7.94
N PHE A 224 7.96 21.08 -7.45
CA PHE A 224 7.72 20.78 -6.03
C PHE A 224 8.92 21.35 -5.22
N ASP A 225 8.69 22.36 -4.40
CA ASP A 225 9.82 23.10 -3.80
C ASP A 225 9.80 22.99 -2.27
N GLU A 226 10.63 23.77 -1.59
CA GLU A 226 10.73 23.64 -0.12
C GLU A 226 9.39 23.95 0.52
N GLN A 227 8.63 24.93 -0.01
CA GLN A 227 7.36 25.21 0.66
C GLN A 227 6.32 24.12 0.44
N ASP A 228 6.32 23.51 -0.74
CA ASP A 228 5.46 22.29 -0.89
C ASP A 228 5.89 21.16 0.10
N PHE A 229 7.19 20.98 0.30
CA PHE A 229 7.69 19.95 1.18
C PHE A 229 7.32 20.32 2.62
N GLU A 230 7.45 21.61 2.96
CA GLU A 230 7.00 22.06 4.30
C GLU A 230 5.54 21.81 4.47
N GLY A 231 4.78 22.06 3.39
CA GLY A 231 3.35 21.83 3.41
C GLY A 231 2.98 20.37 3.72
N ALA A 232 3.69 19.43 3.11
CA ALA A 232 3.41 18.02 3.37
C ALA A 232 3.81 17.62 4.82
N LEU A 233 4.94 18.12 5.26
CA LEU A 233 5.35 17.86 6.67
C LEU A 233 4.34 18.43 7.70
N ASN A 234 3.91 19.68 7.50
CA ASN A 234 3.00 20.30 8.44
C ASN A 234 1.61 19.60 8.40
N ALA A 235 1.26 19.11 7.23
CA ALA A 235 0.09 18.25 7.11
C ALA A 235 0.21 16.90 7.84
N PHE A 236 1.35 16.24 7.78
CA PHE A 236 1.57 15.06 8.54
C PHE A 236 1.51 15.46 10.08
N ALA A 237 2.18 16.54 10.47
CA ALA A 237 2.16 16.97 11.91
C ALA A 237 0.72 17.22 12.41
N ASN A 238 -0.11 17.79 11.58
CA ASN A 238 -1.47 18.06 11.96
C ASN A 238 -2.41 16.89 11.94
N ARG A 239 -2.00 15.80 11.32
CA ARG A 239 -2.89 14.69 11.13
C ARG A 239 -2.47 13.49 11.91
N GLY B 17 -14.27 0.46 -16.81
CA GLY B 17 -15.26 0.48 -15.71
C GLY B 17 -14.62 -0.14 -14.49
N CYS B 18 -15.16 0.14 -13.35
CA CYS B 18 -14.56 -0.31 -12.16
C CYS B 18 -15.05 -1.72 -11.82
N ARG B 19 -14.20 -2.72 -11.69
CA ARG B 19 -14.74 -4.09 -11.42
C ARG B 19 -14.70 -4.48 -9.91
N HIS B 20 -13.75 -3.95 -9.16
CA HIS B 20 -13.60 -4.47 -7.73
C HIS B 20 -13.34 -3.21 -6.89
N VAL B 21 -14.28 -2.87 -6.02
CA VAL B 21 -14.13 -1.69 -5.12
C VAL B 21 -13.87 -2.17 -3.71
N ALA B 22 -12.91 -1.56 -3.01
CA ALA B 22 -12.73 -1.96 -1.59
C ALA B 22 -12.98 -0.68 -0.77
N ILE B 23 -13.63 -0.80 0.39
CA ILE B 23 -13.98 0.38 1.21
C ILE B 23 -13.48 0.21 2.65
N ILE B 24 -12.75 1.21 3.15
CA ILE B 24 -12.42 1.25 4.60
C ILE B 24 -13.49 2.15 5.23
N MET B 25 -14.37 1.59 6.06
CA MET B 25 -15.61 2.25 6.39
C MET B 25 -15.34 3.00 7.71
N ASP B 26 -14.81 4.18 7.70
CA ASP B 26 -14.42 4.75 9.00
C ASP B 26 -15.34 5.92 9.25
N GLY B 27 -15.57 6.19 10.54
CA GLY B 27 -16.24 7.39 10.99
C GLY B 27 -17.49 7.15 11.81
N ASN B 28 -17.85 5.88 12.10
CA ASN B 28 -19.09 5.61 12.80
C ASN B 28 -19.11 6.30 14.23
N GLY B 29 -18.01 6.17 14.97
CA GLY B 29 -17.80 6.74 16.33
C GLY B 29 -17.88 8.25 16.31
N ARG B 30 -17.12 8.87 15.44
CA ARG B 30 -17.17 10.29 15.31
C ARG B 30 -18.58 10.78 14.89
N TRP B 31 -19.28 9.99 14.08
CA TRP B 31 -20.63 10.38 13.65
C TRP B 31 -21.58 10.38 14.82
N ALA B 32 -21.50 9.34 15.66
CA ALA B 32 -22.42 9.21 16.78
C ALA B 32 -22.23 10.42 17.74
N LYS B 33 -20.97 10.69 18.07
CA LYS B 33 -20.63 11.80 18.94
C LYS B 33 -21.05 13.18 18.38
N LYS B 34 -20.80 13.46 17.09
CA LYS B 34 -21.42 14.63 16.45
C LYS B 34 -22.94 14.71 16.57
N GLN B 35 -23.63 13.56 16.48
CA GLN B 35 -25.07 13.49 16.66
C GLN B 35 -25.50 13.54 18.16
N GLY B 36 -24.54 13.69 19.06
CA GLY B 36 -24.79 13.62 20.51
C GLY B 36 -25.36 12.31 21.04
N LYS B 37 -24.96 11.16 20.45
CA LYS B 37 -25.51 9.85 20.81
C LYS B 37 -24.37 8.86 21.23
N ILE B 38 -24.72 7.74 21.87
CA ILE B 38 -23.74 6.69 22.24
C ILE B 38 -23.15 5.96 20.99
N ARG B 39 -21.96 5.38 21.16
CA ARG B 39 -21.27 4.63 20.08
C ARG B 39 -22.16 3.58 19.35
N ALA B 40 -22.97 2.83 20.10
CA ALA B 40 -23.98 1.91 19.50
C ALA B 40 -24.91 2.51 18.42
N PHE B 41 -25.27 3.78 18.55
CA PHE B 41 -26.17 4.40 17.58
C PHE B 41 -25.45 4.59 16.21
N GLY B 42 -24.17 4.94 16.30
CA GLY B 42 -23.32 5.11 15.10
C GLY B 42 -23.15 3.75 14.43
N HIS B 43 -22.97 2.66 15.22
CA HIS B 43 -22.97 1.32 14.59
C HIS B 43 -24.18 0.94 13.81
N LYS B 44 -25.34 1.28 14.38
CA LYS B 44 -26.61 0.99 13.73
C LYS B 44 -26.76 1.84 12.44
N ALA B 45 -26.33 3.09 12.46
CA ALA B 45 -26.42 3.88 11.22
C ALA B 45 -25.35 3.39 10.12
N GLY B 46 -24.18 3.00 10.61
CA GLY B 46 -23.13 2.29 9.81
C GLY B 46 -23.67 1.05 9.09
N ALA B 47 -24.47 0.25 9.79
CA ALA B 47 -25.00 -0.99 9.20
C ALA B 47 -25.99 -0.63 8.10
N LYS B 48 -26.75 0.47 8.30
CA LYS B 48 -27.64 0.93 7.19
C LYS B 48 -26.81 1.41 6.00
N SER B 49 -25.68 2.04 6.27
CA SER B 49 -24.85 2.45 5.16
C SER B 49 -24.19 1.24 4.41
N VAL B 50 -23.87 0.18 5.14
CA VAL B 50 -23.47 -1.11 4.50
C VAL B 50 -24.54 -1.58 3.52
N ARG B 51 -25.79 -1.68 3.97
CA ARG B 51 -26.88 -2.18 3.08
C ARG B 51 -27.03 -1.35 1.82
N ARG B 52 -27.00 -0.02 1.97
CA ARG B 52 -27.10 0.87 0.83
C ARG B 52 -25.92 0.70 -0.12
N ALA B 53 -24.66 0.54 0.36
CA ALA B 53 -23.50 0.43 -0.54
C ALA B 53 -23.48 -0.93 -1.29
N VAL B 54 -23.87 -1.99 -0.58
CA VAL B 54 -24.00 -3.33 -1.16
C VAL B 54 -25.07 -3.27 -2.27
N SER B 55 -26.22 -2.68 -1.98
CA SER B 55 -27.28 -2.54 -3.01
C SER B 55 -26.81 -1.79 -4.18
N PHE B 56 -26.20 -0.65 -3.95
CA PHE B 56 -25.74 0.17 -5.04
C PHE B 56 -24.69 -0.51 -5.93
N ALA B 57 -23.68 -1.15 -5.31
CA ALA B 57 -22.71 -1.90 -6.11
C ALA B 57 -23.43 -3.05 -6.91
N ALA B 58 -24.31 -3.78 -6.28
CA ALA B 58 -24.94 -4.92 -7.00
C ALA B 58 -25.78 -4.41 -8.21
N ASN B 59 -26.48 -3.30 -8.05
CA ASN B 59 -27.24 -2.68 -9.18
C ASN B 59 -26.47 -1.94 -10.25
N ASN B 60 -25.19 -1.71 -10.01
CA ASN B 60 -24.35 -0.97 -10.94
C ASN B 60 -23.33 -1.81 -11.58
N GLY B 61 -23.48 -3.10 -11.39
CA GLY B 61 -22.67 -4.09 -12.12
C GLY B 61 -21.24 -4.18 -11.68
N ILE B 62 -20.94 -3.76 -10.44
CA ILE B 62 -19.58 -3.99 -9.91
C ILE B 62 -19.44 -5.50 -9.63
N GLU B 63 -18.32 -6.09 -9.97
CA GLU B 63 -18.16 -7.54 -9.79
C GLU B 63 -17.87 -7.92 -8.33
N ALA B 64 -17.09 -7.09 -7.60
CA ALA B 64 -16.68 -7.50 -6.21
C ALA B 64 -16.63 -6.24 -5.37
N LEU B 65 -17.08 -6.34 -4.12
CA LEU B 65 -17.02 -5.23 -3.20
C LEU B 65 -16.36 -5.78 -1.90
N THR B 66 -15.28 -5.17 -1.41
CA THR B 66 -14.59 -5.75 -0.21
C THR B 66 -14.67 -4.65 0.93
N LEU B 67 -15.21 -4.96 2.13
CA LEU B 67 -15.60 -3.95 3.13
C LEU B 67 -14.77 -4.22 4.40
N TYR B 68 -14.09 -3.18 4.87
CA TYR B 68 -13.24 -3.33 6.07
C TYR B 68 -13.77 -2.35 7.09
N ALA B 69 -14.24 -2.85 8.24
CA ALA B 69 -14.71 -2.01 9.38
C ALA B 69 -13.51 -1.58 10.18
N PHE B 70 -13.22 -0.29 10.25
CA PHE B 70 -11.97 0.17 10.87
C PHE B 70 -12.18 0.50 12.35
N LEU B 88 -18.28 -11.21 17.42
CA LEU B 88 -17.93 -9.84 17.15
C LEU B 88 -19.05 -9.18 16.39
N PHE B 89 -18.74 -8.30 15.45
CA PHE B 89 -19.72 -7.60 14.63
C PHE B 89 -20.36 -8.39 13.47
N VAL B 90 -19.66 -9.36 12.93
CA VAL B 90 -20.29 -10.48 12.15
C VAL B 90 -21.50 -11.10 12.90
N TRP B 91 -21.51 -11.20 14.18
CA TRP B 91 -22.74 -11.74 14.65
C TRP B 91 -23.93 -11.11 13.98
N ALA B 92 -23.87 -9.80 13.73
CA ALA B 92 -24.98 -9.07 13.16
C ALA B 92 -25.33 -9.66 11.82
N LEU B 93 -24.44 -9.50 10.86
CA LEU B 93 -24.63 -9.97 9.51
C LEU B 93 -25.39 -11.29 9.33
N ASP B 94 -25.09 -12.32 10.12
CA ASP B 94 -25.51 -13.66 9.76
C ASP B 94 -27.08 -13.80 9.90
N SER B 95 -27.77 -12.70 10.28
CA SER B 95 -29.24 -12.54 10.03
C SER B 95 -29.64 -11.86 8.66
N GLU B 96 -28.66 -11.40 7.86
CA GLU B 96 -28.89 -10.86 6.48
C GLU B 96 -28.56 -11.83 5.36
N VAL B 97 -28.11 -13.02 5.70
CA VAL B 97 -27.56 -13.93 4.63
C VAL B 97 -28.64 -14.38 3.64
N LYS B 98 -29.85 -14.58 4.15
CA LYS B 98 -30.99 -14.99 3.27
C LYS B 98 -31.29 -13.98 2.15
N SER B 99 -31.32 -12.73 2.51
CA SER B 99 -31.46 -11.63 1.61
C SER B 99 -30.35 -11.53 0.60
N LEU B 100 -29.08 -11.59 1.02
CA LEU B 100 -27.94 -11.67 0.09
C LEU B 100 -28.13 -12.81 -0.95
N HIS B 101 -28.48 -13.96 -0.45
CA HIS B 101 -28.61 -15.16 -1.27
C HIS B 101 -29.73 -14.98 -2.31
N ARG B 102 -30.86 -14.47 -1.89
CA ARG B 102 -31.92 -14.15 -2.88
C ARG B 102 -31.45 -13.17 -3.96
N HIS B 103 -30.55 -12.28 -3.59
CA HIS B 103 -30.04 -11.31 -4.51
C HIS B 103 -28.89 -11.80 -5.33
N ASN B 104 -28.64 -13.09 -5.32
CA ASN B 104 -27.55 -13.62 -6.11
C ASN B 104 -26.12 -13.14 -5.72
N VAL B 105 -25.96 -12.77 -4.44
CA VAL B 105 -24.63 -12.31 -3.92
C VAL B 105 -23.83 -13.50 -3.35
N ARG B 106 -22.56 -13.59 -3.72
CA ARG B 106 -21.63 -14.56 -3.15
C ARG B 106 -20.91 -13.92 -1.94
N LEU B 107 -21.10 -14.48 -0.76
CA LEU B 107 -20.55 -13.90 0.45
C LEU B 107 -19.21 -14.63 0.83
N ARG B 108 -18.19 -13.88 1.14
CA ARG B 108 -16.96 -14.43 1.64
C ARG B 108 -16.43 -13.61 2.80
N ILE B 109 -15.89 -14.25 3.80
CA ILE B 109 -15.26 -13.55 4.93
C ILE B 109 -13.76 -13.64 4.70
N ILE B 110 -13.03 -12.54 4.72
CA ILE B 110 -11.54 -12.68 4.63
C ILE B 110 -10.91 -12.31 5.96
N GLY B 111 -9.82 -12.95 6.36
CA GLY B 111 -9.24 -12.57 7.64
C GLY B 111 -9.11 -13.83 8.57
N ASP B 112 -8.58 -13.62 9.76
CA ASP B 112 -8.17 -14.81 10.58
C ASP B 112 -9.29 -15.10 11.55
N THR B 113 -10.11 -16.03 11.15
CA THR B 113 -11.32 -16.36 11.93
C THR B 113 -11.07 -17.68 12.76
N SER B 114 -9.88 -18.29 12.63
CA SER B 114 -9.52 -19.57 13.29
C SER B 114 -9.62 -19.49 14.84
N ARG B 115 -9.56 -18.33 15.44
CA ARG B 115 -9.80 -18.25 16.86
C ARG B 115 -11.24 -17.82 17.29
N PHE B 116 -12.11 -17.47 16.35
CA PHE B 116 -13.50 -17.19 16.70
C PHE B 116 -14.17 -18.44 17.37
N ASN B 117 -15.22 -18.28 18.14
CA ASN B 117 -15.80 -19.52 18.68
C ASN B 117 -16.34 -20.40 17.55
N SER B 118 -16.45 -21.69 17.83
CA SER B 118 -16.61 -22.66 16.73
C SER B 118 -18.03 -22.60 16.24
N ARG B 119 -18.94 -22.15 17.08
CA ARG B 119 -20.29 -21.98 16.62
C ARG B 119 -20.36 -20.85 15.51
N LEU B 120 -19.73 -19.70 15.79
CA LEU B 120 -19.56 -18.63 14.76
C LEU B 120 -18.80 -19.13 13.53
N GLN B 121 -17.74 -19.91 13.71
CA GLN B 121 -16.96 -20.40 12.59
C GLN B 121 -17.81 -21.28 11.72
N GLU B 122 -18.67 -22.09 12.33
CA GLU B 122 -19.55 -22.95 11.53
C GLU B 122 -20.65 -22.14 10.79
N ARG B 123 -21.12 -21.06 11.41
CA ARG B 123 -22.16 -20.20 10.76
C ARG B 123 -21.52 -19.42 9.57
N ILE B 124 -20.27 -19.03 9.74
CA ILE B 124 -19.47 -18.44 8.63
C ILE B 124 -19.36 -19.46 7.51
N ARG B 125 -19.00 -20.69 7.86
CA ARG B 125 -18.81 -21.72 6.85
C ARG B 125 -20.08 -22.02 6.10
N LYS B 126 -21.17 -22.12 6.84
CA LYS B 126 -22.47 -22.41 6.25
C LYS B 126 -22.96 -21.28 5.33
N SER B 127 -22.76 -20.02 5.73
CA SER B 127 -23.16 -18.89 4.87
C SER B 127 -22.36 -18.81 3.60
N GLU B 128 -21.05 -19.06 3.66
CA GLU B 128 -20.25 -19.05 2.50
C GLU B 128 -20.65 -20.19 1.54
N ALA B 129 -20.82 -21.41 2.10
CA ALA B 129 -21.30 -22.56 1.29
C ALA B 129 -22.66 -22.29 0.66
N LEU B 130 -23.62 -21.74 1.42
CA LEU B 130 -24.94 -21.36 0.85
C LEU B 130 -24.87 -20.51 -0.41
N THR B 131 -24.04 -19.47 -0.38
CA THR B 131 -23.97 -18.52 -1.49
C THR B 131 -22.84 -18.75 -2.49
N ALA B 132 -22.04 -19.81 -2.31
CA ALA B 132 -20.79 -20.00 -3.07
C ALA B 132 -21.03 -20.12 -4.61
N GLY B 133 -22.19 -20.64 -4.98
CA GLY B 133 -22.55 -20.83 -6.38
C GLY B 133 -23.23 -19.59 -6.94
N ASN B 134 -23.34 -18.50 -6.15
CA ASN B 134 -24.03 -17.28 -6.68
C ASN B 134 -23.16 -16.58 -7.74
N THR B 135 -23.76 -15.96 -8.77
CA THR B 135 -22.94 -15.42 -9.84
C THR B 135 -23.06 -13.90 -9.97
N GLY B 136 -23.81 -13.24 -9.09
CA GLY B 136 -23.84 -11.75 -9.04
C GLY B 136 -22.64 -11.16 -8.35
N LEU B 137 -22.88 -10.23 -7.42
CA LEU B 137 -21.81 -9.45 -6.83
C LEU B 137 -21.07 -10.40 -5.83
N THR B 138 -19.76 -10.46 -5.80
CA THR B 138 -19.08 -11.13 -4.70
C THR B 138 -18.80 -10.08 -3.55
N LEU B 139 -19.31 -10.33 -2.37
CA LEU B 139 -19.15 -9.39 -1.23
C LEU B 139 -18.13 -10.04 -0.29
N ASN B 140 -16.96 -9.40 -0.11
CA ASN B 140 -15.97 -9.90 0.82
C ASN B 140 -16.03 -9.02 2.07
N ILE B 141 -16.19 -9.65 3.25
CA ILE B 141 -16.27 -8.91 4.52
C ILE B 141 -14.99 -9.24 5.32
N ALA B 142 -14.19 -8.21 5.61
CA ALA B 142 -12.94 -8.43 6.36
C ALA B 142 -13.28 -8.64 7.85
N ALA B 143 -12.74 -9.71 8.43
CA ALA B 143 -13.12 -9.99 9.83
C ALA B 143 -11.79 -10.40 10.47
N ASN B 144 -11.28 -9.54 11.35
CA ASN B 144 -9.92 -9.78 11.89
C ASN B 144 -8.87 -9.94 10.79
N TYR B 145 -8.90 -9.01 9.82
CA TYR B 145 -8.02 -9.04 8.66
C TYR B 145 -6.90 -8.00 8.83
N GLY B 146 -5.72 -8.27 8.27
CA GLY B 146 -4.63 -7.24 8.18
C GLY B 146 -3.91 -7.60 6.90
N GLY B 147 -3.46 -6.59 6.15
CA GLY B 147 -2.71 -6.84 4.94
C GLY B 147 -1.43 -7.62 5.15
N ARG B 148 -0.75 -7.31 6.25
CA ARG B 148 0.56 -7.99 6.55
C ARG B 148 0.29 -9.45 6.92
N TRP B 149 -0.77 -9.68 7.70
CA TRP B 149 -1.19 -11.03 8.07
C TRP B 149 -1.50 -11.87 6.85
N ASP B 150 -2.21 -11.28 5.94
CA ASP B 150 -2.60 -11.87 4.68
C ASP B 150 -1.39 -12.36 3.89
N ILE B 151 -0.40 -11.47 3.72
CA ILE B 151 0.88 -11.88 3.07
C ILE B 151 1.57 -13.01 3.89
N VAL B 152 1.69 -12.84 5.19
CA VAL B 152 2.37 -13.81 6.06
C VAL B 152 1.70 -15.18 6.02
N GLN B 153 0.36 -15.21 5.95
CA GLN B 153 -0.32 -16.48 5.83
C GLN B 153 0.04 -17.17 4.53
N GLY B 154 0.20 -16.42 3.42
CA GLY B 154 0.63 -17.04 2.15
C GLY B 154 2.10 -17.50 2.22
N VAL B 155 2.97 -16.72 2.84
CA VAL B 155 4.41 -17.09 3.06
C VAL B 155 4.53 -18.39 3.89
N ARG B 156 3.75 -18.50 4.95
CA ARG B 156 3.70 -19.74 5.78
C ARG B 156 3.37 -20.93 4.89
N GLN B 157 2.38 -20.76 4.00
CA GLN B 157 2.03 -21.84 3.08
C GLN B 157 3.20 -22.24 2.18
N LEU B 158 3.88 -21.26 1.60
CA LEU B 158 5.03 -21.57 0.77
C LEU B 158 6.13 -22.23 1.61
N ALA B 159 6.36 -21.73 2.83
CA ALA B 159 7.34 -22.28 3.79
C ALA B 159 7.14 -23.81 4.07
N GLU B 160 5.90 -24.22 4.36
CA GLU B 160 5.54 -25.65 4.39
C GLU B 160 5.93 -26.37 3.09
N LYS B 161 5.60 -25.81 1.92
CA LYS B 161 6.00 -26.49 0.66
C LYS B 161 7.48 -26.70 0.55
N VAL B 162 8.27 -25.70 0.99
CA VAL B 162 9.73 -25.78 0.88
C VAL B 162 10.20 -26.89 1.83
N GLN B 163 9.74 -26.86 3.09
CA GLN B 163 10.10 -27.88 4.09
C GLN B 163 9.69 -29.31 3.66
N GLN B 164 8.50 -29.49 3.10
CA GLN B 164 8.15 -30.78 2.45
C GLN B 164 9.04 -31.19 1.26
N GLY B 165 9.92 -30.31 0.80
CA GLY B 165 10.77 -30.56 -0.40
C GLY B 165 9.99 -30.41 -1.71
N ASN B 166 8.80 -29.82 -1.63
CA ASN B 166 7.94 -29.66 -2.80
C ASN B 166 8.19 -28.37 -3.64
N LEU B 167 9.14 -27.53 -3.20
CA LEU B 167 9.34 -26.21 -3.79
C LEU B 167 10.73 -25.66 -3.54
N GLN B 168 11.37 -25.20 -4.60
CA GLN B 168 12.66 -24.52 -4.47
C GLN B 168 12.51 -23.04 -4.15
N PRO B 169 13.26 -22.56 -3.14
CA PRO B 169 13.38 -21.12 -2.87
C PRO B 169 13.42 -20.24 -4.10
N ASP B 170 14.31 -20.49 -5.07
CA ASP B 170 14.34 -19.59 -6.22
C ASP B 170 13.27 -19.79 -7.30
N GLN B 171 12.30 -20.70 -7.08
CA GLN B 171 11.08 -20.78 -7.91
C GLN B 171 9.94 -19.86 -7.33
N ILE B 172 10.12 -19.32 -6.12
CA ILE B 172 9.08 -18.39 -5.57
C ILE B 172 9.15 -17.03 -6.31
N ASP B 173 8.06 -16.64 -6.96
CA ASP B 173 8.03 -15.36 -7.68
C ASP B 173 6.74 -14.62 -7.30
N GLU B 174 6.46 -13.49 -7.96
CA GLU B 174 5.23 -12.69 -7.68
C GLU B 174 3.95 -13.42 -7.99
N GLU B 175 3.93 -14.10 -9.13
CA GLU B 175 2.79 -14.91 -9.57
C GLU B 175 2.43 -15.99 -8.59
N MET B 176 3.41 -16.69 -8.11
CA MET B 176 3.20 -17.70 -7.08
C MET B 176 2.72 -17.13 -5.74
N LEU B 177 3.33 -16.05 -5.24
CA LEU B 177 2.88 -15.51 -3.98
C LEU B 177 1.46 -15.02 -4.13
N ASN B 178 1.17 -14.40 -5.25
CA ASN B 178 -0.16 -13.93 -5.54
C ASN B 178 -1.25 -14.99 -5.38
N GLN B 179 -0.92 -16.22 -5.72
CA GLN B 179 -1.89 -17.32 -5.71
C GLN B 179 -2.17 -17.78 -4.31
N HIS B 180 -1.44 -17.25 -3.35
CA HIS B 180 -1.64 -17.59 -1.97
C HIS B 180 -2.06 -16.46 -1.06
N VAL B 181 -2.42 -15.32 -1.60
CA VAL B 181 -3.01 -14.21 -0.81
C VAL B 181 -4.51 -14.11 -1.08
N CYS B 182 -5.25 -13.47 -0.16
CA CYS B 182 -6.72 -13.40 -0.27
C CYS B 182 -7.17 -12.77 -1.58
N MET B 183 -8.26 -13.30 -2.11
CA MET B 183 -9.01 -12.75 -3.27
C MET B 183 -8.32 -12.96 -4.61
N HIS B 184 -7.34 -13.85 -4.65
CA HIS B 184 -6.55 -14.02 -5.88
C HIS B 184 -7.40 -14.59 -7.00
N GLU B 185 -8.56 -15.15 -6.70
CA GLU B 185 -9.49 -15.57 -7.77
C GLU B 185 -10.39 -14.48 -8.36
N LEU B 186 -10.42 -13.27 -7.79
CA LEU B 186 -11.34 -12.20 -8.24
C LEU B 186 -10.61 -11.18 -9.11
N ALA B 187 -11.33 -10.35 -9.83
CA ALA B 187 -10.77 -9.18 -10.52
C ALA B 187 -9.83 -8.42 -9.54
N PRO B 188 -8.69 -7.90 -10.03
CA PRO B 188 -7.82 -7.02 -9.23
C PRO B 188 -8.62 -5.81 -8.64
N VAL B 189 -8.25 -5.41 -7.43
CA VAL B 189 -8.87 -4.19 -6.82
C VAL B 189 -8.54 -2.97 -7.68
N ASP B 190 -9.56 -2.32 -8.18
CA ASP B 190 -9.46 -1.14 -9.06
C ASP B 190 -9.43 0.12 -8.21
N LEU B 191 -10.15 0.14 -7.08
CA LEU B 191 -10.45 1.39 -6.41
C LEU B 191 -10.61 1.06 -4.93
N VAL B 192 -9.91 1.84 -4.10
CA VAL B 192 -10.07 1.77 -2.62
C VAL B 192 -10.68 3.14 -2.15
N ILE B 193 -11.79 3.11 -1.41
CA ILE B 193 -12.43 4.34 -0.86
C ILE B 193 -12.13 4.31 0.64
N ARG B 194 -11.65 5.42 1.22
CA ARG B 194 -11.66 5.47 2.71
C ARG B 194 -12.49 6.67 3.13
N THR B 195 -13.57 6.44 3.89
CA THR B 195 -14.37 7.50 4.49
C THR B 195 -13.76 7.93 5.80
N GLY B 196 -14.21 9.06 6.32
CA GLY B 196 -13.89 9.37 7.68
C GLY B 196 -12.76 10.35 7.84
N GLY B 197 -12.10 10.69 6.74
CA GLY B 197 -11.05 11.78 6.78
C GLY B 197 -9.60 11.38 6.93
N GLU B 198 -9.26 10.14 7.29
CA GLU B 198 -7.81 9.81 7.44
C GLU B 198 -7.24 9.40 6.10
N HIS B 199 -5.97 9.61 5.89
CA HIS B 199 -5.34 9.32 4.65
C HIS B 199 -4.31 8.22 4.80
N ARG B 200 -4.73 7.00 5.07
CA ARG B 200 -3.84 5.89 5.38
C ARG B 200 -4.59 4.66 4.97
N ILE B 201 -3.86 3.61 4.72
CA ILE B 201 -4.44 2.31 4.40
C ILE B 201 -4.67 1.50 5.67
N SER B 202 -3.93 1.81 6.74
CA SER B 202 -4.14 1.21 8.06
C SER B 202 -4.15 -0.33 7.95
N ASN B 203 -3.15 -0.89 7.22
CA ASN B 203 -2.96 -2.32 7.16
C ASN B 203 -4.23 -3.06 6.74
N PHE B 204 -5.00 -2.40 5.85
CA PHE B 204 -6.01 -3.10 5.06
C PHE B 204 -5.17 -3.68 3.91
N LEU B 205 -5.76 -4.08 2.81
CA LEU B 205 -5.06 -4.71 1.68
C LEU B 205 -3.76 -4.01 1.29
N LEU B 206 -2.69 -4.74 1.10
CA LEU B 206 -1.43 -4.18 0.73
C LEU B 206 -0.96 -4.74 -0.61
N TRP B 207 -0.96 -6.04 -0.70
CA TRP B 207 -0.39 -6.72 -1.86
C TRP B 207 -1.32 -6.30 -2.96
N GLN B 208 -2.60 -6.36 -2.71
CA GLN B 208 -3.66 -6.27 -3.73
C GLN B 208 -3.86 -4.85 -4.28
N ILE B 209 -3.28 -3.86 -3.62
CA ILE B 209 -3.62 -2.49 -4.02
C ILE B 209 -2.49 -1.82 -4.72
N ALA B 210 -1.50 -2.61 -5.14
CA ALA B 210 -0.33 -2.10 -5.92
C ALA B 210 -0.69 -1.09 -7.03
N TYR B 211 -1.82 -1.31 -7.68
CA TYR B 211 -2.21 -0.52 -8.88
C TYR B 211 -3.57 0.11 -8.72
N ALA B 212 -4.16 0.07 -7.53
CA ALA B 212 -5.51 0.60 -7.34
C ALA B 212 -5.53 2.15 -7.25
N GLU B 213 -6.63 2.75 -7.70
CA GLU B 213 -6.91 4.14 -7.48
C GLU B 213 -7.24 4.29 -5.97
N LEU B 214 -6.72 5.32 -5.33
CA LEU B 214 -7.02 5.55 -3.88
C LEU B 214 -7.85 6.81 -3.69
N TYR B 215 -9.04 6.68 -3.09
CA TYR B 215 -9.96 7.80 -3.03
C TYR B 215 -10.30 8.05 -1.56
N PHE B 216 -9.93 9.23 -1.08
CA PHE B 216 -10.20 9.60 0.31
C PHE B 216 -11.27 10.66 0.45
N THR B 217 -12.23 10.48 1.32
CA THR B 217 -13.28 11.49 1.48
C THR B 217 -13.45 11.73 2.98
N ASP B 218 -13.74 12.96 3.32
CA ASP B 218 -14.06 13.34 4.74
C ASP B 218 -15.44 12.91 5.17
N VAL B 219 -16.31 12.52 4.25
CA VAL B 219 -17.65 12.05 4.64
C VAL B 219 -17.51 10.90 5.62
N LEU B 220 -18.30 10.88 6.74
CA LEU B 220 -18.25 9.81 7.70
C LEU B 220 -19.10 8.64 7.16
N TRP B 221 -18.74 7.40 7.55
CA TRP B 221 -19.34 6.21 6.91
C TRP B 221 -20.86 6.21 7.00
N PRO B 222 -21.45 6.62 8.15
CA PRO B 222 -22.94 6.52 8.08
C PRO B 222 -23.62 7.51 7.08
N ASP B 223 -22.92 8.59 6.70
CA ASP B 223 -23.46 9.55 5.75
C ASP B 223 -23.09 9.21 4.32
N PHE B 224 -22.25 8.17 4.09
CA PHE B 224 -21.73 7.90 2.76
C PHE B 224 -22.86 7.26 1.96
N ASP B 225 -23.27 7.90 0.90
CA ASP B 225 -24.48 7.49 0.22
C ASP B 225 -24.24 7.23 -1.26
N GLU B 226 -25.29 7.04 -2.03
CA GLU B 226 -25.05 6.67 -3.42
C GLU B 226 -24.40 7.72 -4.26
N GLN B 227 -24.69 8.97 -3.94
CA GLN B 227 -23.97 10.04 -4.67
C GLN B 227 -22.48 10.07 -4.32
N ASP B 228 -22.16 9.79 -3.06
CA ASP B 228 -20.72 9.75 -2.65
C ASP B 228 -19.98 8.60 -3.39
N PHE B 229 -20.66 7.47 -3.50
CA PHE B 229 -20.11 6.30 -4.15
C PHE B 229 -19.91 6.62 -5.64
N GLU B 230 -20.88 7.27 -6.25
CA GLU B 230 -20.69 7.63 -7.66
C GLU B 230 -19.54 8.62 -7.88
N GLY B 231 -19.46 9.60 -6.98
CA GLY B 231 -18.25 10.46 -6.92
C GLY B 231 -16.93 9.73 -6.99
N ALA B 232 -16.77 8.62 -6.23
CA ALA B 232 -15.60 7.87 -6.26
C ALA B 232 -15.41 7.13 -7.60
N LEU B 233 -16.46 6.53 -8.09
CA LEU B 233 -16.45 5.90 -9.42
C LEU B 233 -16.02 6.86 -10.56
N ASN B 234 -16.44 8.13 -10.54
CA ASN B 234 -15.78 9.14 -11.41
C ASN B 234 -14.29 9.41 -11.28
N ALA B 235 -13.77 9.46 -10.07
CA ALA B 235 -12.34 9.65 -9.91
C ALA B 235 -11.64 8.53 -10.62
N PHE B 236 -12.22 7.30 -10.59
CA PHE B 236 -11.62 6.23 -11.25
C PHE B 236 -11.76 6.44 -12.80
N ALA B 237 -12.97 6.76 -13.25
CA ALA B 237 -13.27 7.02 -14.68
C ALA B 237 -12.34 8.09 -15.31
N ASN B 238 -12.08 9.16 -14.56
CA ASN B 238 -10.96 10.08 -14.88
C ASN B 238 -9.50 9.58 -14.67
N ARG B 239 -9.24 8.33 -14.29
CA ARG B 239 -7.84 7.92 -13.99
C ARG B 239 -6.88 8.47 -15.05
OAB 0YZ C . 25.72 23.16 -1.44
CAU 0YZ C . 25.17 23.96 -0.67
OAD 0YZ C . 25.45 25.16 -0.71
CAW 0YZ C . 24.09 23.46 0.31
OAE 0YZ C . 23.47 24.27 1.24
CAF 0YZ C . 23.84 21.99 0.27
CAV 0YZ C . 22.81 21.41 1.15
OAC 0YZ C . 22.26 22.10 1.98
CAY 0YZ C . 22.68 20.06 1.02
CAJ 0YZ C . 22.88 19.47 -0.21
CAI 0YZ C . 22.42 19.28 2.12
CAG 0YZ C . 22.33 17.92 1.97
CAH 0YZ C . 22.53 17.34 0.75
CAX 0YZ C . 22.78 18.10 -0.33
OAT 0YZ C . 22.96 17.42 -1.47
CAS 0YZ C . 22.78 17.92 -2.75
CAR 0YZ C . 23.09 16.77 -3.72
CAQ 0YZ C . 21.88 15.88 -3.88
CAP 0YZ C . 22.06 14.96 -5.05
CAO 0YZ C . 21.08 13.83 -5.02
CAN 0YZ C . 21.53 12.89 -6.09
CAM 0YZ C . 21.18 11.46 -5.81
CAL 0YZ C . 22.01 10.71 -6.80
CAK 0YZ C . 22.29 9.31 -6.37
CAA 0YZ C . 22.30 8.47 -7.60
OAB 0YZ D . 9.73 1.18 -11.14
CAU 0YZ D . 9.81 0.37 -12.08
OAD 0YZ D . 8.83 -0.32 -12.38
CAW 0YZ D . 11.10 0.24 -12.90
OAE 0YZ D . 11.14 -0.64 -13.92
CAF 0YZ D . 12.38 1.08 -12.60
CAV 0YZ D . 13.50 0.72 -13.56
OAC 0YZ D . 13.32 -0.13 -14.40
CAY 0YZ D . 14.72 1.35 -13.40
CAJ 0YZ D . 14.83 2.57 -12.80
CAI 0YZ D . 15.86 0.75 -13.85
CAG 0YZ D . 17.09 1.35 -13.72
CAH 0YZ D . 17.20 2.58 -13.11
CAX 0YZ D . 16.06 3.19 -12.64
OAT 0YZ D . 16.00 4.40 -12.06
CAS 0YZ D . 17.05 5.03 -11.40
CAR 0YZ D . 16.45 6.35 -10.98
CAQ 0YZ D . 17.48 7.27 -10.47
CAP 0YZ D . 16.86 8.63 -10.38
CAO 0YZ D . 17.71 9.51 -9.49
CAN 0YZ D . 18.48 10.51 -10.32
CAM 0YZ D . 18.87 11.66 -9.43
CAL 0YZ D . 19.29 12.83 -10.25
CAK 0YZ D . 20.58 13.39 -9.69
CAA 0YZ D . 20.39 14.81 -9.29
OAB 0YZ E . -33.31 -2.79 0.09
CAU 0YZ E . -33.79 -2.59 -1.05
OAD 0YZ E . -34.83 -1.88 -1.17
CAW 0YZ E . -33.11 -3.18 -2.31
OAE 0YZ E . -33.63 -2.96 -3.54
CAF 0YZ E . -31.80 -3.98 -2.14
CAV 0YZ E . -31.12 -4.59 -3.41
OAC 0YZ E . -31.62 -4.44 -4.52
CAY 0YZ E . -29.99 -5.43 -3.15
CAJ 0YZ E . -29.73 -5.83 -1.83
CAI 0YZ E . -29.16 -5.94 -4.16
CAG 0YZ E . -28.09 -6.81 -3.85
CAH 0YZ E . -27.85 -7.15 -2.53
CAX 0YZ E . -28.68 -6.69 -1.50
OAT 0YZ E . -28.46 -7.03 -0.18
CAS 0YZ E . -29.28 -6.45 0.85
CAR 0YZ E . -28.67 -6.78 2.23
CAQ 0YZ E . -27.18 -6.29 2.32
CAP 0YZ E . -26.55 -6.98 3.53
CAO 0YZ E . -25.13 -6.50 3.83
CAN 0YZ E . -24.84 -6.68 5.31
CAM 0YZ E . -25.43 -5.46 6.05
CAL 0YZ E . -25.37 -5.57 7.58
CAK 0YZ E . -23.94 -5.37 8.09
CAA 0YZ E . -24.04 -5.28 9.60
#